data_9OGV
#
_entry.id   9OGV
#
_cell.length_a   68.927
_cell.length_b   72.302
_cell.length_c   117.709
_cell.angle_alpha   90.00
_cell.angle_beta   90.00
_cell.angle_gamma   90.00
#
_symmetry.space_group_name_H-M   'P 21 21 21'
#
loop_
_entity.id
_entity.type
_entity.pdbx_description
1 polymer 'TNF receptor-associated factor 4'
2 non-polymer N-(1,3-thiazol-2-yl)quinoxaline-6-carboxamide
#
_entity_poly.entity_id   1
_entity_poly.type   'polypeptide(L)'
_entity_poly.pdbx_seq_one_letter_code
;MLQELRRELEELSVGSDGVLIWKIGSYGRRLQEAKAKPNLECFSPAFYTHKYGYKLQVSAFLNGNGSGEGTHLSLYIRVL
PGAFDNLLEWPFARRVTFSLLDQSDPGLAKPQHVTETFHPDPNWKNFQKPGTWRGSLDESSLGFGYPKFISHQDIRKRNY
VRDDAVFIRAAVELPRLEHHHH
;
_entity_poly.pdbx_strand_id   A,B,C
#
# COMPACT_ATOMS: atom_id res chain seq x y z
N MET A 1 -4.77 -12.41 18.89
CA MET A 1 -4.38 -12.07 17.53
C MET A 1 -3.95 -10.61 17.41
N LEU A 2 -4.58 -9.75 18.22
CA LEU A 2 -4.47 -8.31 18.04
C LEU A 2 -3.02 -7.86 17.94
N GLN A 3 -2.14 -8.39 18.79
CA GLN A 3 -0.74 -7.99 18.75
C GLN A 3 -0.08 -8.43 17.46
N GLU A 4 -0.32 -9.66 17.02
CA GLU A 4 0.24 -10.13 15.76
C GLU A 4 -0.34 -9.37 14.56
N LEU A 5 -1.59 -8.91 14.68
CA LEU A 5 -2.16 -8.12 13.61
C LEU A 5 -1.53 -6.73 13.55
N ARG A 6 -1.22 -6.15 14.71
CA ARG A 6 -0.39 -4.94 14.72
C ARG A 6 0.92 -5.17 13.98
N ARG A 7 1.54 -6.33 14.22
CA ARG A 7 2.76 -6.71 13.53
C ARG A 7 2.57 -6.71 12.02
N GLU A 8 1.58 -7.48 11.54
CA GLU A 8 1.34 -7.52 10.10
C GLU A 8 1.03 -6.14 9.54
N LEU A 9 0.35 -5.31 10.33
CA LEU A 9 0.00 -3.97 9.87
C LEU A 9 1.25 -3.12 9.66
N GLU A 10 2.20 -3.18 10.60
CA GLU A 10 3.41 -2.39 10.39
C GLU A 10 4.30 -3.01 9.32
N GLU A 11 4.11 -4.29 8.98
CA GLU A 11 4.79 -4.87 7.82
C GLU A 11 4.27 -4.26 6.52
N LEU A 12 2.95 -4.09 6.42
CA LEU A 12 2.35 -3.57 5.19
C LEU A 12 2.78 -2.14 4.91
N SER A 13 3.11 -1.37 5.95
CA SER A 13 3.42 0.05 5.82
C SER A 13 4.65 0.35 4.96
N VAL A 14 5.36 -0.67 4.48
CA VAL A 14 6.71 -0.47 3.95
C VAL A 14 6.78 -0.70 2.44
N GLY A 15 5.99 -1.64 1.92
CA GLY A 15 6.21 -2.11 0.57
C GLY A 15 7.16 -3.29 0.57
N SER A 16 7.53 -3.83 -0.62
CA SER A 16 7.11 -3.54 -2.02
C SER A 16 7.68 -2.27 -2.65
N ASP A 17 8.13 -1.31 -1.84
CA ASP A 17 8.89 -0.18 -2.37
C ASP A 17 10.37 -0.51 -2.53
N GLY A 18 10.86 -1.50 -1.78
CA GLY A 18 12.26 -1.83 -1.66
C GLY A 18 13.09 -0.86 -0.83
N VAL A 19 12.47 0.20 -0.33
CA VAL A 19 13.10 1.21 0.51
C VAL A 19 12.44 1.12 1.87
N LEU A 20 13.19 0.72 2.89
CA LEU A 20 12.66 0.68 4.25
C LEU A 20 13.26 1.81 5.07
N ILE A 21 12.41 2.56 5.76
CA ILE A 21 12.83 3.56 6.73
C ILE A 21 12.36 3.08 8.09
N TRP A 22 13.30 2.71 8.94
CA TRP A 22 13.05 2.12 10.25
C TRP A 22 13.34 3.18 11.30
N LYS A 23 12.30 3.59 12.03
CA LYS A 23 12.43 4.60 13.06
C LYS A 23 12.57 3.92 14.42
N ILE A 24 13.72 4.12 15.06
CA ILE A 24 13.97 3.62 16.40
C ILE A 24 13.82 4.79 17.35
N GLY A 25 12.74 4.79 18.13
CA GLY A 25 12.49 5.84 19.09
C GLY A 25 12.97 5.46 20.48
N SER A 26 12.85 6.42 21.39
CA SER A 26 13.44 6.32 22.73
C SER A 26 14.86 5.76 22.65
N TYR A 27 15.74 6.55 22.01
CA TYR A 27 17.09 6.07 21.72
C TYR A 27 17.90 5.83 23.00
N GLY A 28 17.79 6.74 23.98
CA GLY A 28 18.61 6.62 25.18
C GLY A 28 18.27 5.40 26.01
N ARG A 29 16.98 5.15 26.23
CA ARG A 29 16.55 3.98 27.00
C ARG A 29 17.07 2.70 26.36
N ARG A 30 16.94 2.59 25.03
CA ARG A 30 17.36 1.37 24.35
C ARG A 30 18.88 1.25 24.28
N LEU A 31 19.59 2.37 24.19
CA LEU A 31 21.05 2.32 24.21
C LEU A 31 21.54 1.85 25.58
N GLN A 32 20.92 2.32 26.65
CA GLN A 32 21.28 1.82 27.97
C GLN A 32 20.93 0.34 28.11
N GLU A 33 19.80 -0.08 27.53
CA GLU A 33 19.48 -1.51 27.53
C GLU A 33 20.55 -2.33 26.83
N ALA A 34 21.02 -1.85 25.68
CA ALA A 34 22.06 -2.58 24.95
C ALA A 34 23.37 -2.59 25.70
N LYS A 35 23.70 -1.48 26.38
CA LYS A 35 24.91 -1.45 27.20
C LYS A 35 24.80 -2.40 28.39
N ALA A 36 23.58 -2.62 28.89
CA ALA A 36 23.39 -3.53 30.01
C ALA A 36 23.33 -4.99 29.58
N LYS A 37 22.98 -5.27 28.33
CA LYS A 37 22.87 -6.64 27.82
C LYS A 37 23.67 -6.74 26.53
N PRO A 38 24.87 -7.31 26.57
CA PRO A 38 25.69 -7.39 25.36
C PRO A 38 24.98 -8.17 24.26
N ASN A 39 25.21 -7.75 23.02
CA ASN A 39 24.67 -8.38 21.83
C ASN A 39 23.15 -8.28 21.77
N LEU A 40 22.57 -7.27 22.42
CA LEU A 40 21.13 -7.05 22.32
C LEU A 40 20.80 -6.56 20.92
N GLU A 41 19.87 -7.25 20.27
CA GLU A 41 19.58 -7.05 18.86
C GLU A 41 18.19 -6.46 18.67
N CYS A 42 18.11 -5.39 17.89
CA CYS A 42 16.85 -4.80 17.46
C CYS A 42 16.51 -5.28 16.05
N PHE A 43 15.22 -5.45 15.80
CA PHE A 43 14.76 -5.99 14.52
C PHE A 43 13.83 -5.00 13.84
N SER A 44 14.12 -4.71 12.57
CA SER A 44 13.23 -3.90 11.75
C SER A 44 12.03 -4.75 11.33
N PRO A 45 10.95 -4.10 10.88
CA PRO A 45 9.85 -4.86 10.29
C PRO A 45 10.31 -5.56 9.02
N ALA A 46 9.82 -6.78 8.81
CA ALA A 46 10.11 -7.47 7.56
C ALA A 46 9.54 -6.68 6.40
N PHE A 47 10.32 -6.57 5.33
CA PHE A 47 9.92 -5.76 4.19
C PHE A 47 10.34 -6.47 2.90
N TYR A 48 9.51 -6.31 1.87
CA TYR A 48 9.71 -7.00 0.60
C TYR A 48 10.43 -6.08 -0.39
N THR A 49 11.33 -6.68 -1.18
CA THR A 49 12.06 -5.92 -2.19
C THR A 49 11.11 -5.35 -3.23
N HIS A 50 10.21 -6.19 -3.75
CA HIS A 50 9.17 -5.75 -4.66
C HIS A 50 7.91 -6.54 -4.35
N LYS A 51 6.82 -6.22 -5.04
CA LYS A 51 5.58 -6.97 -4.88
C LYS A 51 5.81 -8.42 -5.26
N TYR A 52 5.52 -9.33 -4.33
CA TYR A 52 5.76 -10.76 -4.50
C TYR A 52 7.25 -11.06 -4.68
N GLY A 53 8.12 -10.32 -4.00
CA GLY A 53 9.55 -10.50 -4.13
C GLY A 53 10.23 -11.07 -2.90
N TYR A 54 11.51 -10.74 -2.71
CA TYR A 54 12.26 -11.24 -1.58
C TYR A 54 11.80 -10.59 -0.29
N LYS A 55 11.70 -11.38 0.77
CA LYS A 55 11.39 -10.88 2.11
C LYS A 55 12.71 -10.68 2.86
N LEU A 56 12.98 -9.43 3.25
CA LEU A 56 14.22 -9.09 3.93
C LEU A 56 13.93 -8.52 5.31
N GLN A 57 14.96 -8.51 6.15
CA GLN A 57 14.84 -7.87 7.46
C GLN A 57 16.18 -7.26 7.87
N VAL A 58 16.12 -6.04 8.39
CA VAL A 58 17.28 -5.33 8.91
C VAL A 58 17.32 -5.50 10.42
N SER A 59 18.51 -5.69 10.97
CA SER A 59 18.72 -5.79 12.40
C SER A 59 19.87 -4.88 12.81
N ALA A 60 19.79 -4.37 14.04
CA ALA A 60 20.74 -3.38 14.52
C ALA A 60 21.19 -3.71 15.92
N PHE A 61 22.45 -3.43 16.21
CA PHE A 61 23.02 -3.48 17.55
C PHE A 61 23.41 -2.06 17.94
N LEU A 62 22.64 -1.48 18.87
CA LEU A 62 22.90 -0.10 19.27
C LEU A 62 24.20 0.03 20.04
N ASN A 63 24.59 -0.99 20.79
CA ASN A 63 25.88 -1.02 21.46
C ASN A 63 26.93 -1.81 20.67
N GLY A 64 26.59 -2.23 19.46
CA GLY A 64 27.55 -2.89 18.60
C GLY A 64 27.79 -4.33 19.00
N ASN A 65 28.28 -5.10 18.04
CA ASN A 65 28.72 -6.46 18.28
C ASN A 65 29.94 -6.73 17.40
N GLY A 66 30.62 -7.83 17.69
CA GLY A 66 31.82 -8.16 16.93
C GLY A 66 32.91 -7.14 17.16
N SER A 67 33.56 -6.74 16.07
CA SER A 67 34.65 -5.78 16.17
C SER A 67 34.18 -4.42 16.67
N GLY A 68 32.87 -4.15 16.64
CA GLY A 68 32.32 -2.89 17.09
C GLY A 68 31.60 -2.94 18.42
N GLU A 69 31.75 -4.02 19.19
CA GLU A 69 31.04 -4.15 20.45
C GLU A 69 31.47 -3.06 21.43
N GLY A 70 30.50 -2.29 21.92
CA GLY A 70 30.76 -1.25 22.89
C GLY A 70 31.15 0.10 22.31
N THR A 71 31.50 0.16 21.03
CA THR A 71 31.99 1.39 20.42
C THR A 71 31.18 1.88 19.24
N HIS A 72 30.44 1.00 18.55
CA HIS A 72 29.78 1.35 17.31
C HIS A 72 28.32 0.94 17.33
N LEU A 73 27.59 1.41 16.32
CA LEU A 73 26.29 0.87 15.97
C LEU A 73 26.49 -0.10 14.82
N SER A 74 25.93 -1.29 14.92
CA SER A 74 26.13 -2.33 13.92
C SER A 74 24.83 -2.56 13.15
N LEU A 75 24.95 -2.73 11.83
CA LEU A 75 23.80 -2.87 10.96
C LEU A 75 23.95 -4.12 10.11
N TYR A 76 22.89 -4.94 10.05
CA TYR A 76 22.92 -6.14 9.23
C TYR A 76 21.58 -6.31 8.53
N ILE A 77 21.60 -7.06 7.43
CA ILE A 77 20.40 -7.44 6.72
C ILE A 77 20.43 -8.95 6.50
N ARG A 78 19.26 -9.57 6.52
CA ARG A 78 19.16 -11.00 6.30
C ARG A 78 17.93 -11.31 5.46
N VAL A 79 18.05 -12.34 4.64
CA VAL A 79 16.92 -12.85 3.88
C VAL A 79 16.10 -13.76 4.78
N LEU A 80 14.78 -13.58 4.76
CA LEU A 80 13.87 -14.40 5.51
C LEU A 80 13.10 -15.31 4.57
N PRO A 81 12.56 -16.42 5.06
CA PRO A 81 11.69 -17.24 4.22
C PRO A 81 10.47 -16.44 3.78
N GLY A 82 10.28 -16.35 2.46
CA GLY A 82 9.15 -15.62 1.93
C GLY A 82 8.18 -16.52 1.19
N ALA A 83 6.93 -16.11 1.10
CA ALA A 83 5.91 -16.95 0.48
C ALA A 83 6.15 -17.16 -1.01
N PHE A 84 6.92 -16.29 -1.65
CA PHE A 84 7.13 -16.35 -3.10
C PHE A 84 8.55 -16.76 -3.45
N ASP A 85 9.28 -17.37 -2.50
CA ASP A 85 10.67 -17.72 -2.75
C ASP A 85 10.82 -18.67 -3.94
N ASN A 86 9.84 -19.54 -4.18
CA ASN A 86 9.93 -20.45 -5.31
C ASN A 86 9.81 -19.73 -6.65
N LEU A 87 9.40 -18.46 -6.65
CA LEU A 87 9.23 -17.69 -7.88
C LEU A 87 10.38 -16.73 -8.15
N LEU A 88 11.40 -16.71 -7.30
CA LEU A 88 12.50 -15.77 -7.43
C LEU A 88 13.79 -16.50 -7.80
N GLU A 89 14.69 -15.78 -8.45
CA GLU A 89 15.99 -16.35 -8.82
C GLU A 89 16.96 -16.26 -7.65
N TRP A 90 17.78 -17.29 -7.50
CA TRP A 90 18.72 -17.39 -6.39
C TRP A 90 20.13 -17.66 -6.90
N PRO A 91 21.16 -17.16 -6.20
CA PRO A 91 21.07 -16.42 -4.93
C PRO A 91 20.65 -14.96 -5.07
N PHE A 92 20.15 -14.39 -3.97
CA PHE A 92 19.83 -12.97 -3.91
C PHE A 92 21.06 -12.15 -4.26
N ALA A 93 20.97 -11.34 -5.32
CA ALA A 93 22.12 -10.60 -5.81
C ALA A 93 21.73 -9.18 -6.19
N ARG A 94 20.92 -8.51 -5.37
CA ARG A 94 20.50 -7.14 -5.61
C ARG A 94 21.22 -6.20 -4.66
N ARG A 95 21.73 -5.10 -5.21
CA ARG A 95 22.56 -4.16 -4.47
C ARG A 95 21.79 -3.54 -3.31
N VAL A 96 22.46 -3.40 -2.16
CA VAL A 96 21.83 -2.92 -0.94
C VAL A 96 22.60 -1.71 -0.42
N THR A 97 21.86 -0.71 0.04
CA THR A 97 22.45 0.52 0.58
C THR A 97 21.87 0.80 1.96
N PHE A 98 22.74 0.77 2.97
CA PHE A 98 22.39 1.18 4.33
C PHE A 98 22.69 2.66 4.50
N SER A 99 21.85 3.35 5.27
CA SER A 99 22.04 4.76 5.55
C SER A 99 21.57 5.08 6.97
N LEU A 100 22.42 5.77 7.72
CA LEU A 100 22.02 6.43 8.95
C LEU A 100 21.77 7.89 8.59
N LEU A 101 20.53 8.34 8.75
CA LEU A 101 20.10 9.60 8.17
C LEU A 101 20.31 10.76 9.13
N ASP A 102 20.72 11.89 8.56
CA ASP A 102 20.95 13.14 9.29
C ASP A 102 19.62 13.88 9.37
N GLN A 103 18.98 13.84 10.53
CA GLN A 103 17.67 14.45 10.69
C GLN A 103 17.76 15.97 10.73
N SER A 104 18.19 16.57 9.63
CA SER A 104 18.28 18.02 9.49
C SER A 104 17.30 18.48 8.43
N ASP A 105 16.71 19.65 8.64
CA ASP A 105 15.78 20.21 7.68
C ASP A 105 16.48 20.42 6.35
N PRO A 106 16.00 19.81 5.26
CA PRO A 106 16.69 19.98 3.97
C PRO A 106 16.70 21.41 3.47
N GLY A 107 15.83 22.27 4.00
CA GLY A 107 15.79 23.66 3.60
C GLY A 107 16.80 24.54 4.30
N LEU A 108 17.30 24.12 5.46
CA LEU A 108 18.29 24.92 6.19
C LEU A 108 19.72 24.43 6.00
N ALA A 109 19.91 23.13 5.78
CA ALA A 109 21.22 22.58 5.45
C ALA A 109 21.04 21.22 4.81
N LYS A 110 21.87 20.93 3.81
CA LYS A 110 21.80 19.62 3.16
C LYS A 110 22.30 18.56 4.13
N PRO A 111 21.52 17.51 4.38
CA PRO A 111 21.97 16.48 5.35
C PRO A 111 23.13 15.68 4.80
N GLN A 112 23.93 15.17 5.73
CA GLN A 112 25.09 14.32 5.41
C GLN A 112 24.83 12.94 6.02
N HIS A 113 24.25 12.05 5.23
CA HIS A 113 23.94 10.71 5.69
C HIS A 113 25.19 9.83 5.73
N VAL A 114 25.20 8.91 6.70
CA VAL A 114 26.26 7.91 6.80
C VAL A 114 25.81 6.70 6.00
N THR A 115 26.39 6.54 4.81
CA THR A 115 25.90 5.57 3.83
C THR A 115 26.96 4.52 3.51
N GLU A 116 26.52 3.28 3.35
CA GLU A 116 27.38 2.20 2.90
C GLU A 116 26.61 1.35 1.90
N THR A 117 27.30 0.82 0.90
CA THR A 117 26.66 0.07 -0.16
C THR A 117 27.43 -1.22 -0.41
N PHE A 118 26.69 -2.31 -0.62
CA PHE A 118 27.32 -3.59 -0.93
C PHE A 118 26.47 -4.36 -1.93
N HIS A 119 27.14 -5.25 -2.67
CA HIS A 119 26.49 -6.18 -3.57
C HIS A 119 26.53 -7.57 -2.96
N PRO A 120 25.43 -8.29 -2.94
CA PRO A 120 25.38 -9.56 -2.20
C PRO A 120 26.36 -10.57 -2.73
N ASP A 121 27.15 -11.14 -1.82
CA ASP A 121 28.11 -12.18 -2.16
C ASP A 121 27.39 -13.46 -2.58
N PRO A 122 27.63 -14.00 -3.77
CA PRO A 122 26.94 -15.22 -4.18
C PRO A 122 27.19 -16.42 -3.28
N ASN A 123 28.30 -16.44 -2.53
CA ASN A 123 28.61 -17.57 -1.67
C ASN A 123 28.28 -17.31 -0.21
N TRP A 124 27.62 -16.19 0.10
CA TRP A 124 27.13 -15.95 1.45
C TRP A 124 25.91 -16.83 1.66
N LYS A 125 26.03 -17.79 2.58
CA LYS A 125 24.99 -18.80 2.77
C LYS A 125 23.59 -18.20 2.91
N ASN A 126 23.48 -17.05 3.58
CA ASN A 126 22.15 -16.48 3.80
C ASN A 126 21.52 -15.95 2.52
N PHE A 127 22.32 -15.47 1.57
CA PHE A 127 21.74 -14.99 0.32
C PHE A 127 21.33 -16.13 -0.61
N GLN A 128 21.57 -17.38 -0.21
CA GLN A 128 21.05 -18.52 -0.93
C GLN A 128 19.60 -18.77 -0.55
N LYS A 129 18.94 -19.65 -1.31
CA LYS A 129 17.52 -19.91 -1.10
C LYS A 129 17.27 -20.46 0.30
N PRO A 130 16.33 -19.91 1.05
CA PRO A 130 16.10 -20.39 2.43
C PRO A 130 15.74 -21.86 2.47
N GLY A 131 16.39 -22.58 3.40
CA GLY A 131 16.18 -24.00 3.60
C GLY A 131 16.86 -24.89 2.59
N THR A 132 17.24 -24.36 1.43
CA THR A 132 17.95 -25.16 0.45
C THR A 132 19.47 -24.99 0.58
N SER A 141 21.05 -15.98 13.20
CA SER A 141 20.95 -16.25 11.76
C SER A 141 22.23 -15.80 11.04
N LEU A 142 22.19 -15.78 9.72
CA LEU A 142 23.37 -15.53 8.89
C LEU A 142 23.35 -14.11 8.30
N GLY A 143 23.09 -13.07 9.09
CA GLY A 143 22.98 -11.74 8.51
C GLY A 143 24.30 -11.24 7.96
N PHE A 144 24.21 -10.26 7.06
CA PHE A 144 25.37 -9.64 6.45
C PHE A 144 25.34 -8.14 6.69
N GLY A 145 26.49 -7.55 6.99
CA GLY A 145 26.52 -6.12 7.21
C GLY A 145 27.81 -5.55 7.74
N TYR A 146 27.69 -4.54 8.60
CA TYR A 146 28.83 -3.78 9.09
C TYR A 146 28.79 -3.72 10.61
N PRO A 147 29.81 -4.24 11.31
CA PRO A 147 29.86 -4.05 12.76
C PRO A 147 30.31 -2.67 13.17
N LYS A 148 31.03 -1.96 12.29
CA LYS A 148 31.49 -0.61 12.57
C LYS A 148 30.80 0.38 11.63
N PHE A 149 29.46 0.40 11.64
CA PHE A 149 28.74 1.29 10.73
C PHE A 149 28.98 2.76 11.11
N ILE A 150 28.82 3.09 12.39
CA ILE A 150 29.09 4.44 12.87
C ILE A 150 29.52 4.36 14.31
N SER A 151 30.49 5.20 14.68
CA SER A 151 31.00 5.20 16.04
C SER A 151 30.02 5.92 16.98
N HIS A 152 30.13 5.60 18.27
CA HIS A 152 29.31 6.26 19.27
C HIS A 152 29.57 7.77 19.31
N GLN A 153 30.81 8.19 19.05
CA GLN A 153 31.12 9.61 19.06
C GLN A 153 30.58 10.31 17.82
N ASP A 154 30.61 9.64 16.67
CA ASP A 154 30.16 10.26 15.44
C ASP A 154 28.64 10.37 15.37
N ILE A 155 27.92 9.48 16.07
CA ILE A 155 26.46 9.53 16.06
C ILE A 155 25.92 10.72 16.83
N ARG A 156 26.76 11.41 17.58
CA ARG A 156 26.38 12.64 18.27
C ARG A 156 26.87 13.89 17.56
N LYS A 157 27.60 13.73 16.45
CA LYS A 157 28.28 14.86 15.83
C LYS A 157 27.35 15.77 15.04
N ARG A 158 26.20 15.26 14.58
CA ARG A 158 25.23 16.10 13.88
C ARG A 158 23.82 15.78 14.36
N ASN A 159 22.85 15.88 13.46
CA ASN A 159 21.45 15.58 13.82
C ASN A 159 21.08 14.13 13.56
N TYR A 160 21.98 13.18 13.85
CA TYR A 160 21.63 11.77 13.69
C TYR A 160 20.66 11.31 14.78
N VAL A 161 20.86 11.77 16.01
CA VAL A 161 19.92 11.54 17.10
C VAL A 161 19.20 12.85 17.33
N ARG A 162 17.91 12.90 17.01
CA ARG A 162 17.10 14.10 17.18
C ARG A 162 15.75 13.72 17.76
N ASP A 163 15.34 14.46 18.80
CA ASP A 163 14.11 14.15 19.53
C ASP A 163 14.09 12.71 20.00
N ASP A 164 15.27 12.21 20.39
CA ASP A 164 15.44 10.85 20.92
C ASP A 164 14.97 9.80 19.91
N ALA A 165 15.40 9.96 18.67
CA ALA A 165 14.98 9.04 17.61
C ALA A 165 16.09 8.91 16.58
N VAL A 166 16.16 7.74 15.95
CA VAL A 166 17.14 7.45 14.92
C VAL A 166 16.43 6.82 13.73
N PHE A 167 16.97 7.04 12.53
CA PHE A 167 16.39 6.54 11.29
C PHE A 167 17.40 5.68 10.56
N ILE A 168 17.02 4.44 10.27
CA ILE A 168 17.85 3.51 9.51
C ILE A 168 17.17 3.26 8.17
N ARG A 169 17.84 3.61 7.08
CA ARG A 169 17.30 3.41 5.74
C ARG A 169 18.01 2.24 5.08
N ALA A 170 17.23 1.35 4.47
CA ALA A 170 17.77 0.21 3.72
C ALA A 170 17.12 0.22 2.34
N ALA A 171 17.91 0.46 1.30
CA ALA A 171 17.41 0.58 -0.06
C ALA A 171 17.93 -0.55 -0.93
N VAL A 172 17.03 -1.24 -1.61
CA VAL A 172 17.35 -2.37 -2.48
C VAL A 172 17.21 -1.93 -3.93
N GLU A 173 18.14 -2.37 -4.77
CA GLU A 173 18.19 -1.96 -6.17
C GLU A 173 17.03 -2.59 -6.95
N LEU A 174 16.55 -1.83 -7.94
CA LEU A 174 15.46 -2.24 -8.80
C LEU A 174 15.96 -3.13 -9.94
N PRO A 175 15.16 -4.12 -10.35
CA PRO A 175 15.53 -5.07 -11.41
C PRO A 175 15.45 -4.47 -12.80
N MET B 1 -11.42 -8.40 15.95
CA MET B 1 -12.20 -9.49 15.37
C MET B 1 -11.38 -10.23 14.32
N LEU B 2 -11.95 -11.32 13.79
CA LEU B 2 -11.29 -12.09 12.75
C LEU B 2 -11.53 -11.55 11.36
N GLN B 3 -12.56 -10.71 11.19
CA GLN B 3 -12.82 -10.09 9.89
C GLN B 3 -11.72 -9.12 9.48
N GLU B 4 -10.87 -8.69 10.43
CA GLU B 4 -9.84 -7.72 10.11
C GLU B 4 -8.65 -8.37 9.40
N LEU B 5 -8.29 -9.60 9.80
CA LEU B 5 -7.24 -10.31 9.08
C LEU B 5 -7.60 -10.50 7.62
N ARG B 6 -8.90 -10.61 7.32
CA ARG B 6 -9.35 -10.72 5.93
C ARG B 6 -9.00 -9.49 5.12
N ARG B 7 -9.26 -8.30 5.68
CA ARG B 7 -8.92 -7.06 4.98
C ARG B 7 -7.42 -6.86 4.91
N GLU B 8 -6.67 -7.34 5.91
CA GLU B 8 -5.22 -7.29 5.82
C GLU B 8 -4.70 -8.21 4.73
N LEU B 9 -5.37 -9.33 4.49
CA LEU B 9 -5.04 -10.17 3.33
C LEU B 9 -5.40 -9.46 2.04
N GLU B 10 -6.51 -8.73 2.02
CA GLU B 10 -6.95 -8.02 0.82
C GLU B 10 -5.90 -7.01 0.38
N GLU B 11 -5.81 -5.89 1.08
CA GLU B 11 -4.93 -4.81 0.61
C GLU B 11 -3.46 -5.15 0.69
N LEU B 12 -3.05 -6.35 1.08
CA LEU B 12 -1.67 -6.79 0.82
C LEU B 12 -1.44 -7.12 -0.66
N SER B 13 -2.23 -6.56 -1.59
CA SER B 13 -2.20 -7.07 -2.96
C SER B 13 -2.88 -6.15 -3.98
N VAL B 14 -3.86 -5.37 -3.54
CA VAL B 14 -4.88 -4.81 -4.45
C VAL B 14 -4.31 -3.73 -5.35
N GLY B 15 -3.56 -2.78 -4.79
CA GLY B 15 -3.36 -1.51 -5.47
C GLY B 15 -2.65 -1.68 -6.80
N SER B 16 -1.77 -2.68 -6.88
CA SER B 16 -0.89 -2.92 -8.03
C SER B 16 -1.66 -2.98 -9.34
N ASP B 17 -0.96 -2.73 -10.46
CA ASP B 17 -1.52 -2.72 -11.80
C ASP B 17 -2.42 -3.92 -12.08
N GLY B 18 -3.45 -4.13 -11.26
CA GLY B 18 -4.41 -5.17 -11.55
C GLY B 18 -3.84 -6.57 -11.42
N VAL B 19 -2.65 -6.69 -10.84
CA VAL B 19 -1.95 -7.95 -10.80
C VAL B 19 -2.12 -8.56 -9.40
N LEU B 20 -2.86 -9.65 -9.35
CA LEU B 20 -3.04 -10.44 -8.13
C LEU B 20 -2.27 -11.74 -8.28
N ILE B 21 -1.47 -12.07 -7.28
CA ILE B 21 -0.82 -13.37 -7.20
C ILE B 21 -1.41 -14.08 -5.99
N TRP B 22 -2.18 -15.14 -6.27
CA TRP B 22 -2.93 -15.88 -5.28
C TRP B 22 -2.21 -17.19 -5.01
N LYS B 23 -1.73 -17.36 -3.78
CA LYS B 23 -1.00 -18.56 -3.37
C LYS B 23 -1.99 -19.50 -2.69
N ILE B 24 -2.24 -20.64 -3.30
CA ILE B 24 -3.08 -21.69 -2.72
C ILE B 24 -2.17 -22.78 -2.19
N GLY B 25 -2.07 -22.88 -0.86
CA GLY B 25 -1.25 -23.88 -0.23
C GLY B 25 -2.04 -25.13 0.15
N SER B 26 -1.31 -26.11 0.67
CA SER B 26 -1.82 -27.46 0.93
C SER B 26 -2.67 -27.96 -0.24
N TYR B 27 -2.01 -28.11 -1.39
CA TYR B 27 -2.74 -28.42 -2.62
C TYR B 27 -3.44 -29.78 -2.56
N GLY B 28 -2.77 -30.80 -2.02
CA GLY B 28 -3.34 -32.13 -2.01
C GLY B 28 -4.57 -32.26 -1.13
N ARG B 29 -4.50 -31.70 0.08
CA ARG B 29 -5.64 -31.78 1.01
C ARG B 29 -6.85 -31.08 0.41
N ARG B 30 -6.67 -29.88 -0.13
CA ARG B 30 -7.77 -29.15 -0.74
C ARG B 30 -8.26 -29.83 -2.01
N LEU B 31 -7.37 -30.50 -2.74
CA LEU B 31 -7.79 -31.22 -3.94
C LEU B 31 -8.72 -32.37 -3.59
N GLN B 32 -8.35 -33.17 -2.58
CA GLN B 32 -9.27 -34.23 -2.19
C GLN B 32 -10.50 -33.70 -1.45
N GLU B 33 -10.41 -32.51 -0.84
CA GLU B 33 -11.61 -31.86 -0.32
C GLU B 33 -12.58 -31.55 -1.46
N ALA B 34 -12.06 -31.02 -2.57
CA ALA B 34 -12.92 -30.73 -3.72
C ALA B 34 -13.45 -32.02 -4.33
N LYS B 35 -12.63 -33.07 -4.33
CA LYS B 35 -13.09 -34.38 -4.81
C LYS B 35 -14.20 -34.93 -3.92
N ALA B 36 -14.19 -34.59 -2.63
CA ALA B 36 -15.23 -35.05 -1.72
C ALA B 36 -16.51 -34.21 -1.81
N LYS B 37 -16.40 -32.96 -2.25
CA LYS B 37 -17.54 -32.06 -2.37
C LYS B 37 -17.55 -31.44 -3.75
N PRO B 38 -18.38 -31.93 -4.67
CA PRO B 38 -18.39 -31.38 -6.04
C PRO B 38 -18.68 -29.89 -6.03
N ASN B 39 -18.07 -29.18 -6.98
CA ASN B 39 -18.24 -27.74 -7.16
C ASN B 39 -17.72 -26.94 -5.97
N LEU B 40 -16.78 -27.50 -5.22
CA LEU B 40 -16.15 -26.76 -4.14
C LEU B 40 -15.29 -25.64 -4.71
N GLU B 41 -15.55 -24.42 -4.27
CA GLU B 41 -14.96 -23.24 -4.87
C GLU B 41 -14.02 -22.56 -3.89
N CYS B 42 -12.81 -22.25 -4.35
CA CYS B 42 -11.85 -21.44 -3.61
C CYS B 42 -11.90 -20.02 -4.12
N PHE B 43 -11.74 -19.05 -3.21
CA PHE B 43 -11.86 -17.63 -3.55
C PHE B 43 -10.57 -16.90 -3.21
N SER B 44 -10.06 -16.13 -4.17
CA SER B 44 -8.93 -15.27 -3.93
C SER B 44 -9.36 -14.04 -3.13
N PRO B 45 -8.42 -13.33 -2.50
CA PRO B 45 -8.76 -12.05 -1.90
C PRO B 45 -9.20 -11.05 -2.96
N ALA B 46 -10.18 -10.23 -2.61
CA ALA B 46 -10.62 -9.18 -3.53
C ALA B 46 -9.46 -8.24 -3.82
N PHE B 47 -9.34 -7.85 -5.08
CA PHE B 47 -8.23 -6.99 -5.52
C PHE B 47 -8.74 -5.97 -6.52
N TYR B 48 -8.16 -4.76 -6.46
CA TYR B 48 -8.58 -3.64 -7.28
C TYR B 48 -7.71 -3.51 -8.51
N THR B 49 -8.33 -3.14 -9.64
CA THR B 49 -7.57 -2.92 -10.87
C THR B 49 -6.59 -1.77 -10.69
N HIS B 50 -7.05 -0.66 -10.12
CA HIS B 50 -6.22 0.47 -9.76
C HIS B 50 -6.76 1.06 -8.47
N LYS B 51 -6.05 2.06 -7.93
CA LYS B 51 -6.53 2.72 -6.73
C LYS B 51 -7.87 3.40 -7.01
N TYR B 52 -8.87 3.08 -6.20
CA TYR B 52 -10.25 3.54 -6.41
C TYR B 52 -10.82 3.02 -7.72
N GLY B 53 -10.44 1.81 -8.12
CA GLY B 53 -10.89 1.25 -9.38
C GLY B 53 -11.86 0.10 -9.22
N TYR B 54 -11.89 -0.80 -10.21
CA TYR B 54 -12.81 -1.94 -10.15
C TYR B 54 -12.34 -2.94 -9.10
N LYS B 55 -13.30 -3.49 -8.35
CA LYS B 55 -13.02 -4.57 -7.41
C LYS B 55 -13.30 -5.91 -8.09
N LEU B 56 -12.27 -6.74 -8.19
CA LEU B 56 -12.37 -8.04 -8.84
C LEU B 56 -12.07 -9.15 -7.84
N GLN B 57 -12.47 -10.37 -8.20
CA GLN B 57 -12.11 -11.54 -7.40
C GLN B 57 -11.96 -12.75 -8.31
N VAL B 58 -10.89 -13.51 -8.09
CA VAL B 58 -10.62 -14.75 -8.82
C VAL B 58 -11.10 -15.93 -7.98
N SER B 59 -11.69 -16.92 -8.63
CA SER B 59 -12.15 -18.14 -7.97
C SER B 59 -11.69 -19.35 -8.76
N ALA B 60 -11.51 -20.45 -8.06
CA ALA B 60 -10.95 -21.66 -8.65
C ALA B 60 -11.74 -22.88 -8.23
N PHE B 61 -11.83 -23.83 -9.15
CA PHE B 61 -12.32 -25.18 -8.87
C PHE B 61 -11.13 -26.12 -9.06
N LEU B 62 -10.61 -26.64 -7.94
CA LEU B 62 -9.44 -27.51 -8.01
C LEU B 62 -9.77 -28.84 -8.66
N ASN B 63 -11.00 -29.33 -8.44
CA ASN B 63 -11.49 -30.52 -9.11
C ASN B 63 -12.35 -30.17 -10.32
N GLY B 64 -12.39 -28.90 -10.71
CA GLY B 64 -13.07 -28.49 -11.91
C GLY B 64 -14.58 -28.44 -11.75
N ASN B 65 -15.21 -27.69 -12.65
CA ASN B 65 -16.65 -27.65 -12.74
C ASN B 65 -17.04 -27.53 -14.22
N GLY B 66 -18.31 -27.74 -14.51
CA GLY B 66 -18.74 -27.70 -15.90
C GLY B 66 -18.12 -28.82 -16.70
N SER B 67 -17.63 -28.50 -17.89
CA SER B 67 -17.00 -29.49 -18.76
C SER B 67 -15.72 -30.07 -18.17
N GLY B 68 -15.12 -29.43 -17.18
CA GLY B 68 -13.88 -29.90 -16.59
C GLY B 68 -13.97 -30.55 -15.24
N GLU B 69 -15.18 -30.88 -14.77
CA GLU B 69 -15.34 -31.47 -13.45
C GLU B 69 -14.66 -32.83 -13.37
N GLY B 70 -13.76 -32.99 -12.40
CA GLY B 70 -13.07 -34.24 -12.20
C GLY B 70 -11.81 -34.41 -13.02
N THR B 71 -11.58 -33.56 -14.03
CA THR B 71 -10.42 -33.71 -14.89
C THR B 71 -9.51 -32.49 -14.91
N HIS B 72 -10.03 -31.29 -14.67
CA HIS B 72 -9.27 -30.07 -14.86
C HIS B 72 -9.40 -29.18 -13.63
N LEU B 73 -8.58 -28.14 -13.61
CA LEU B 73 -8.78 -27.01 -12.72
C LEU B 73 -9.45 -25.89 -13.51
N SER B 74 -10.50 -25.31 -12.93
CA SER B 74 -11.28 -24.28 -13.60
C SER B 74 -11.00 -22.95 -12.92
N LEU B 75 -10.84 -21.90 -13.73
CA LEU B 75 -10.48 -20.58 -13.22
C LEU B 75 -11.46 -19.53 -13.72
N TYR B 76 -11.96 -18.69 -12.81
CA TYR B 76 -12.91 -17.65 -13.17
C TYR B 76 -12.58 -16.35 -12.45
N ILE B 77 -13.06 -15.25 -13.02
CA ILE B 77 -12.97 -13.92 -12.42
C ILE B 77 -14.34 -13.31 -12.40
N ARG B 78 -14.60 -12.48 -11.38
CA ARG B 78 -15.89 -11.83 -11.20
C ARG B 78 -15.70 -10.39 -10.75
N VAL B 79 -16.59 -9.51 -11.21
CA VAL B 79 -16.65 -8.15 -10.70
C VAL B 79 -17.47 -8.13 -9.43
N LEU B 80 -16.97 -7.48 -8.40
CA LEU B 80 -17.70 -7.32 -7.15
C LEU B 80 -18.12 -5.87 -6.96
N PRO B 81 -19.14 -5.63 -6.13
CA PRO B 81 -19.52 -4.24 -5.82
C PRO B 81 -18.39 -3.53 -5.07
N GLY B 82 -17.94 -2.41 -5.63
CA GLY B 82 -16.89 -1.63 -5.02
C GLY B 82 -17.38 -0.25 -4.63
N ALA B 83 -16.71 0.39 -3.66
CA ALA B 83 -17.17 1.68 -3.17
C ALA B 83 -17.08 2.78 -4.22
N PHE B 84 -16.27 2.60 -5.25
CA PHE B 84 -16.04 3.65 -6.25
C PHE B 84 -16.68 3.30 -7.59
N ASP B 85 -17.64 2.38 -7.59
CA ASP B 85 -18.27 1.95 -8.84
C ASP B 85 -18.94 3.11 -9.56
N ASN B 86 -19.48 4.07 -8.82
CA ASN B 86 -20.15 5.21 -9.46
C ASN B 86 -19.18 6.13 -10.18
N LEU B 87 -17.87 5.98 -9.95
CA LEU B 87 -16.86 6.82 -10.58
C LEU B 87 -16.16 6.11 -11.74
N LEU B 88 -16.57 4.90 -12.07
CA LEU B 88 -15.93 4.09 -13.10
C LEU B 88 -16.86 3.91 -14.28
N GLU B 89 -16.28 3.69 -15.46
CA GLU B 89 -17.07 3.45 -16.65
C GLU B 89 -17.46 1.97 -16.73
N TRP B 90 -18.68 1.73 -17.20
CA TRP B 90 -19.22 0.39 -17.32
C TRP B 90 -19.72 0.18 -18.73
N PRO B 91 -19.66 -1.06 -19.26
CA PRO B 91 -19.19 -2.28 -18.58
C PRO B 91 -17.68 -2.40 -18.49
N PHE B 92 -17.22 -3.21 -17.54
CA PHE B 92 -15.81 -3.52 -17.40
C PHE B 92 -15.26 -4.10 -18.70
N ALA B 93 -14.26 -3.43 -19.26
CA ALA B 93 -13.72 -3.82 -20.57
C ALA B 93 -12.19 -3.78 -20.55
N ARG B 94 -11.59 -4.26 -19.47
CA ARG B 94 -10.14 -4.30 -19.34
C ARG B 94 -9.69 -5.74 -19.56
N ARG B 95 -8.71 -5.91 -20.44
CA ARG B 95 -8.26 -7.25 -20.80
C ARG B 95 -7.64 -7.96 -19.60
N VAL B 96 -7.91 -9.25 -19.45
CA VAL B 96 -7.48 -10.03 -18.30
C VAL B 96 -6.65 -11.22 -18.76
N THR B 97 -5.57 -11.50 -18.03
CA THR B 97 -4.67 -12.61 -18.33
C THR B 97 -4.54 -13.49 -17.10
N PHE B 98 -4.98 -14.74 -17.22
CA PHE B 98 -4.75 -15.76 -16.21
C PHE B 98 -3.45 -16.50 -16.51
N SER B 99 -2.74 -16.86 -15.45
CA SER B 99 -1.49 -17.60 -15.57
C SER B 99 -1.36 -18.58 -14.42
N LEU B 100 -1.06 -19.83 -14.76
CA LEU B 100 -0.59 -20.81 -13.79
C LEU B 100 0.93 -20.86 -13.91
N LEU B 101 1.62 -20.52 -12.83
CA LEU B 101 3.05 -20.27 -12.91
C LEU B 101 3.84 -21.55 -12.67
N ASP B 102 4.92 -21.70 -13.45
CA ASP B 102 5.84 -22.82 -13.32
C ASP B 102 6.87 -22.40 -12.29
N GLN B 103 6.76 -22.93 -11.07
CA GLN B 103 7.64 -22.49 -9.99
C GLN B 103 9.06 -22.98 -10.20
N SER B 104 9.70 -22.49 -11.25
CA SER B 104 11.08 -22.83 -11.58
C SER B 104 11.95 -21.57 -11.46
N ASP B 105 13.18 -21.76 -11.00
CA ASP B 105 14.12 -20.65 -10.88
C ASP B 105 14.34 -20.03 -12.26
N PRO B 106 14.03 -18.75 -12.46
CA PRO B 106 14.19 -18.16 -13.79
C PRO B 106 15.63 -18.11 -14.27
N GLY B 107 16.60 -18.22 -13.37
CA GLY B 107 18.00 -18.15 -13.79
C GLY B 107 18.61 -19.44 -14.29
N LEU B 108 18.05 -20.59 -13.92
CA LEU B 108 18.59 -21.87 -14.34
C LEU B 108 17.78 -22.52 -15.46
N ALA B 109 16.49 -22.21 -15.56
CA ALA B 109 15.66 -22.71 -16.65
C ALA B 109 14.48 -21.78 -16.84
N LYS B 110 14.10 -21.58 -18.09
CA LYS B 110 12.98 -20.71 -18.42
C LYS B 110 11.67 -21.37 -18.01
N PRO B 111 10.84 -20.73 -17.18
CA PRO B 111 9.55 -21.32 -16.80
C PRO B 111 8.58 -21.29 -17.96
N GLN B 112 7.68 -22.27 -17.98
CA GLN B 112 6.63 -22.35 -19.00
C GLN B 112 5.28 -22.20 -18.30
N HIS B 113 4.79 -20.98 -18.21
CA HIS B 113 3.50 -20.73 -17.56
C HIS B 113 2.36 -21.15 -18.47
N VAL B 114 1.28 -21.63 -17.86
CA VAL B 114 0.04 -21.94 -18.58
C VAL B 114 -0.78 -20.65 -18.56
N THR B 115 -0.81 -19.95 -19.69
CA THR B 115 -1.36 -18.61 -19.73
C THR B 115 -2.54 -18.57 -20.70
N GLU B 116 -3.59 -17.84 -20.31
CA GLU B 116 -4.74 -17.61 -21.17
C GLU B 116 -5.17 -16.16 -21.02
N THR B 117 -5.66 -15.59 -22.12
CA THR B 117 -6.00 -14.18 -22.16
C THR B 117 -7.36 -13.96 -22.78
N PHE B 118 -8.14 -13.05 -22.20
CA PHE B 118 -9.43 -12.70 -22.78
C PHE B 118 -9.72 -11.22 -22.59
N HIS B 119 -10.50 -10.66 -23.51
CA HIS B 119 -11.04 -9.32 -23.38
C HIS B 119 -12.52 -9.40 -23.03
N PRO B 120 -12.97 -8.71 -21.98
CA PRO B 120 -14.34 -8.90 -21.50
C PRO B 120 -15.36 -8.50 -22.55
N ASP B 121 -16.30 -9.40 -22.82
CA ASP B 121 -17.37 -9.12 -23.77
C ASP B 121 -18.27 -8.04 -23.22
N PRO B 122 -18.49 -6.93 -23.94
CA PRO B 122 -19.38 -5.87 -23.41
C PRO B 122 -20.79 -6.35 -23.11
N ASN B 123 -21.22 -7.46 -23.69
CA ASN B 123 -22.56 -7.98 -23.48
C ASN B 123 -22.59 -9.08 -22.43
N TRP B 124 -21.47 -9.31 -21.74
CA TRP B 124 -21.45 -10.25 -20.62
C TRP B 124 -22.17 -9.64 -19.42
N LYS B 125 -22.95 -10.46 -18.72
CA LYS B 125 -23.82 -9.93 -17.67
C LYS B 125 -23.02 -9.48 -16.44
N ASN B 126 -21.99 -10.22 -16.06
CA ASN B 126 -21.26 -9.88 -14.85
C ASN B 126 -20.43 -8.62 -15.01
N PHE B 127 -19.96 -8.33 -16.20
CA PHE B 127 -19.15 -7.15 -16.43
C PHE B 127 -19.97 -5.87 -16.47
N GLN B 128 -21.29 -5.97 -16.31
CA GLN B 128 -22.11 -4.78 -16.17
C GLN B 128 -22.02 -4.24 -14.74
N LYS B 129 -22.56 -3.05 -14.52
CA LYS B 129 -22.41 -2.38 -13.24
C LYS B 129 -23.03 -3.22 -12.12
N PRO B 130 -22.28 -3.49 -11.04
CA PRO B 130 -22.82 -4.30 -9.95
C PRO B 130 -24.06 -3.66 -9.33
N GLY B 131 -25.05 -4.51 -9.05
CA GLY B 131 -26.31 -4.07 -8.45
C GLY B 131 -27.28 -3.49 -9.45
N THR B 132 -26.76 -2.75 -10.43
CA THR B 132 -27.58 -2.17 -11.49
C THR B 132 -27.57 -3.16 -12.66
N TRP B 133 -28.55 -4.05 -12.66
CA TRP B 133 -28.69 -5.04 -13.73
C TRP B 133 -30.15 -5.31 -14.02
N SER B 141 -23.66 -16.27 -8.89
CA SER B 141 -23.19 -15.15 -9.70
C SER B 141 -22.28 -15.67 -10.82
N LEU B 142 -22.45 -15.12 -12.02
CA LEU B 142 -21.85 -15.69 -13.23
C LEU B 142 -20.48 -15.05 -13.47
N GLY B 143 -19.44 -15.68 -12.93
CA GLY B 143 -18.08 -15.31 -13.28
C GLY B 143 -17.75 -15.72 -14.71
N PHE B 144 -16.64 -15.19 -15.21
CA PHE B 144 -16.17 -15.53 -16.55
C PHE B 144 -14.79 -16.17 -16.47
N GLY B 145 -14.58 -17.19 -17.29
CA GLY B 145 -13.28 -17.85 -17.29
C GLY B 145 -13.17 -19.11 -18.13
N TYR B 146 -12.40 -20.08 -17.64
CA TYR B 146 -12.09 -21.30 -18.41
C TYR B 146 -12.38 -22.51 -17.52
N PRO B 147 -13.28 -23.41 -17.94
CA PRO B 147 -13.48 -24.64 -17.18
C PRO B 147 -12.36 -25.66 -17.36
N LYS B 148 -11.63 -25.62 -18.47
CA LYS B 148 -10.52 -26.53 -18.69
C LYS B 148 -9.18 -25.79 -18.75
N PHE B 149 -8.84 -25.05 -17.70
CA PHE B 149 -7.61 -24.26 -17.71
C PHE B 149 -6.38 -25.17 -17.76
N ILE B 150 -6.33 -26.19 -16.90
CA ILE B 150 -5.25 -27.17 -16.93
C ILE B 150 -5.78 -28.49 -16.42
N SER B 151 -5.34 -29.59 -17.03
CA SER B 151 -5.77 -30.92 -16.61
C SER B 151 -5.01 -31.36 -15.38
N HIS B 152 -5.61 -32.34 -14.67
CA HIS B 152 -4.95 -32.89 -13.49
C HIS B 152 -3.59 -33.49 -13.81
N GLN B 153 -3.45 -34.07 -15.01
CA GLN B 153 -2.17 -34.66 -15.39
C GLN B 153 -1.15 -33.60 -15.76
N ASP B 154 -1.59 -32.51 -16.41
CA ASP B 154 -0.66 -31.48 -16.83
C ASP B 154 -0.18 -30.63 -15.66
N ILE B 155 -0.97 -30.52 -14.60
CA ILE B 155 -0.57 -29.72 -13.45
C ILE B 155 0.53 -30.40 -12.64
N ARG B 156 0.81 -31.67 -12.90
CA ARG B 156 1.91 -32.38 -12.25
C ARG B 156 3.13 -32.52 -13.14
N LYS B 157 3.07 -32.05 -14.39
CA LYS B 157 4.12 -32.32 -15.35
C LYS B 157 5.36 -31.45 -15.15
N ARG B 158 5.23 -30.30 -14.49
CA ARG B 158 6.40 -29.50 -14.19
C ARG B 158 6.31 -28.97 -12.76
N ASN B 159 6.82 -27.78 -12.51
CA ASN B 159 6.76 -27.19 -11.18
C ASN B 159 5.53 -26.33 -10.96
N TYR B 160 4.36 -26.75 -11.47
CA TYR B 160 3.13 -26.02 -11.20
C TYR B 160 2.72 -26.22 -9.74
N VAL B 161 2.85 -27.44 -9.24
CA VAL B 161 2.66 -27.75 -7.83
C VAL B 161 4.05 -27.98 -7.24
N ARG B 162 4.48 -27.08 -6.37
CA ARG B 162 5.79 -27.21 -5.74
C ARG B 162 5.66 -26.90 -4.26
N ASP B 163 6.23 -27.76 -3.43
CA ASP B 163 6.09 -27.66 -1.98
C ASP B 163 4.62 -27.60 -1.58
N ASP B 164 3.79 -28.37 -2.30
CA ASP B 164 2.36 -28.46 -2.04
C ASP B 164 1.68 -27.09 -2.12
N ALA B 165 2.03 -26.31 -3.14
CA ALA B 165 1.50 -24.97 -3.29
C ALA B 165 1.39 -24.62 -4.77
N VAL B 166 0.42 -23.77 -5.09
CA VAL B 166 0.15 -23.31 -6.44
C VAL B 166 0.03 -21.79 -6.44
N PHE B 167 0.38 -21.18 -7.57
CA PHE B 167 0.33 -19.73 -7.74
C PHE B 167 -0.55 -19.39 -8.94
N ILE B 168 -1.60 -18.60 -8.71
CA ILE B 168 -2.49 -18.14 -9.78
C ILE B 168 -2.28 -16.65 -9.96
N ARG B 169 -1.88 -16.23 -11.16
CA ARG B 169 -1.64 -14.83 -11.46
CA ARG B 169 -1.64 -14.83 -11.46
C ARG B 169 -2.76 -14.31 -12.35
N ALA B 170 -3.38 -13.21 -11.92
CA ALA B 170 -4.45 -12.56 -12.69
C ALA B 170 -4.01 -11.12 -12.93
N ALA B 171 -3.75 -10.77 -14.18
CA ALA B 171 -3.24 -9.45 -14.55
C ALA B 171 -4.26 -8.72 -15.42
N VAL B 172 -4.61 -7.51 -15.01
CA VAL B 172 -5.57 -6.68 -15.74
C VAL B 172 -4.80 -5.57 -16.45
N GLU B 173 -5.06 -5.39 -17.73
CA GLU B 173 -4.33 -4.40 -18.52
C GLU B 173 -4.85 -2.99 -18.24
N LEU B 174 -3.92 -2.04 -18.08
CA LEU B 174 -4.37 -0.66 -17.88
C LEU B 174 -4.41 0.09 -19.21
N PRO B 175 -5.40 0.99 -19.40
CA PRO B 175 -5.43 1.82 -20.62
C PRO B 175 -4.47 3.00 -20.53
N ARG B 176 -4.57 3.95 -21.47
CA ARG B 176 -3.72 5.12 -21.45
C ARG B 176 -4.29 6.26 -22.30
N LEU B 177 -5.57 6.57 -22.11
CA LEU B 177 -6.20 7.64 -22.87
C LEU B 177 -5.61 8.99 -22.46
N GLU B 178 -5.56 9.92 -23.41
CA GLU B 178 -5.04 11.26 -23.12
C GLU B 178 -5.68 12.29 -24.03
N HIS B 179 -5.45 13.56 -23.68
CA HIS B 179 -6.08 14.67 -24.35
C HIS B 179 -5.04 15.68 -24.84
N HIS B 180 -5.16 16.94 -24.43
CA HIS B 180 -4.44 18.08 -24.99
C HIS B 180 -3.02 18.24 -24.47
N HIS B 181 -2.56 19.48 -24.37
CA HIS B 181 -1.18 19.81 -23.99
C HIS B 181 -0.77 19.23 -22.64
N MET C 1 -8.33 -3.68 18.54
CA MET C 1 -8.95 -2.47 19.05
C MET C 1 -9.57 -1.66 17.92
N LEU C 2 -9.85 -0.39 18.20
CA LEU C 2 -10.33 0.53 17.18
C LEU C 2 -9.19 1.29 16.51
N GLN C 3 -8.06 1.45 17.19
CA GLN C 3 -6.89 2.03 16.53
C GLN C 3 -6.37 1.13 15.41
N GLU C 4 -6.57 -0.19 15.54
CA GLU C 4 -6.21 -1.10 14.46
C GLU C 4 -7.07 -0.84 13.23
N LEU C 5 -8.36 -0.59 13.41
CA LEU C 5 -9.21 -0.25 12.27
C LEU C 5 -8.80 1.09 11.67
N ARG C 6 -8.41 2.06 12.50
CA ARG C 6 -7.95 3.34 11.98
C ARG C 6 -6.66 3.18 11.18
N ARG C 7 -5.76 2.31 11.66
CA ARG C 7 -4.52 2.06 10.94
C ARG C 7 -4.81 1.50 9.55
N GLU C 8 -5.69 0.50 9.46
CA GLU C 8 -6.02 -0.08 8.17
C GLU C 8 -6.75 0.92 7.27
N LEU C 9 -7.56 1.80 7.85
CA LEU C 9 -8.19 2.84 7.04
C LEU C 9 -7.15 3.83 6.51
N GLU C 10 -6.09 4.08 7.27
CA GLU C 10 -5.06 5.02 6.83
C GLU C 10 -4.28 4.50 5.63
N GLU C 11 -4.05 3.18 5.55
CA GLU C 11 -3.28 2.58 4.46
C GLU C 11 -3.96 2.70 3.10
N LEU C 12 -4.98 3.55 2.97
CA LEU C 12 -5.57 3.89 1.67
C LEU C 12 -5.73 5.41 1.65
N SER C 13 -4.76 6.08 1.07
CA SER C 13 -3.64 5.41 0.42
C SER C 13 -2.29 5.71 1.08
N VAL C 14 -1.34 4.79 0.90
CA VAL C 14 0.06 5.05 1.23
C VAL C 14 0.52 6.17 0.31
N GLY C 15 1.75 6.66 0.50
CA GLY C 15 2.25 7.78 -0.28
C GLY C 15 1.94 7.73 -1.76
N SER C 16 0.72 8.08 -2.12
CA SER C 16 0.21 7.98 -3.49
C SER C 16 -0.13 9.38 -3.99
N ASP C 17 0.87 10.05 -4.57
CA ASP C 17 0.70 11.33 -5.26
C ASP C 17 -0.19 12.30 -4.49
N GLY C 18 -0.31 12.13 -3.18
CA GLY C 18 -1.13 13.05 -2.43
C GLY C 18 -2.63 12.91 -2.66
N VAL C 19 -3.07 11.82 -3.28
CA VAL C 19 -4.47 11.70 -3.71
C VAL C 19 -5.22 10.81 -2.73
N LEU C 20 -6.14 11.44 -1.99
CA LEU C 20 -7.09 10.76 -1.11
C LEU C 20 -8.48 10.91 -1.71
N ILE C 21 -9.21 9.81 -1.80
CA ILE C 21 -10.62 9.84 -2.19
C ILE C 21 -11.44 9.38 -0.99
N TRP C 22 -12.19 10.31 -0.42
CA TRP C 22 -12.96 10.12 0.80
C TRP C 22 -14.44 9.98 0.45
N LYS C 23 -15.02 8.83 0.76
CA LYS C 23 -16.43 8.57 0.50
C LYS C 23 -17.22 8.80 1.78
N ILE C 24 -18.11 9.79 1.76
CA ILE C 24 -19.00 10.07 2.88
C ILE C 24 -20.37 9.50 2.52
N GLY C 25 -20.72 8.40 3.19
CA GLY C 25 -21.99 7.72 2.98
C GLY C 25 -23.04 8.15 4.00
N SER C 26 -24.24 7.62 3.80
CA SER C 26 -25.44 8.04 4.52
C SER C 26 -25.48 9.56 4.62
N TYR C 27 -25.56 10.20 3.44
CA TYR C 27 -25.43 11.65 3.37
C TYR C 27 -26.58 12.35 4.09
N GLY C 28 -27.82 11.87 3.92
CA GLY C 28 -28.95 12.56 4.52
C GLY C 28 -28.94 12.53 6.03
N ARG C 29 -28.58 11.38 6.61
CA ARG C 29 -28.55 11.26 8.07
C ARG C 29 -27.44 12.14 8.67
N ARG C 30 -26.27 12.14 8.04
CA ARG C 30 -25.19 12.99 8.53
C ARG C 30 -25.52 14.47 8.37
N LEU C 31 -26.24 14.83 7.30
CA LEU C 31 -26.68 16.21 7.14
C LEU C 31 -27.70 16.61 8.19
N GLN C 32 -28.65 15.71 8.50
CA GLN C 32 -29.59 15.97 9.58
C GLN C 32 -28.87 16.14 10.91
N GLU C 33 -27.90 15.27 11.19
CA GLU C 33 -27.14 15.38 12.44
C GLU C 33 -26.41 16.72 12.51
N ALA C 34 -25.79 17.14 11.40
CA ALA C 34 -25.06 18.40 11.40
C ALA C 34 -26.01 19.59 11.58
N LYS C 35 -27.19 19.53 10.98
CA LYS C 35 -28.18 20.58 11.20
C LYS C 35 -28.65 20.59 12.65
N ALA C 36 -28.69 19.43 13.30
CA ALA C 36 -29.12 19.36 14.70
C ALA C 36 -28.01 19.76 15.67
N LYS C 37 -26.75 19.62 15.28
CA LYS C 37 -25.61 19.96 16.13
C LYS C 37 -24.66 20.86 15.35
N PRO C 38 -24.71 22.18 15.57
CA PRO C 38 -23.83 23.10 14.83
C PRO C 38 -22.36 22.78 15.08
N ASN C 39 -21.54 23.03 14.06
CA ASN C 39 -20.10 22.79 14.10
C ASN C 39 -19.77 21.30 14.13
N LEU C 40 -20.68 20.45 13.65
CA LEU C 40 -20.38 19.04 13.55
C LEU C 40 -19.37 18.81 12.44
N GLU C 41 -18.24 18.18 12.76
CA GLU C 41 -17.12 18.03 11.85
C GLU C 41 -16.91 16.56 11.51
N CYS C 42 -16.78 16.27 10.23
CA CYS C 42 -16.39 14.94 9.77
C CYS C 42 -14.90 14.93 9.45
N PHE C 43 -14.25 13.80 9.71
CA PHE C 43 -12.81 13.65 9.52
C PHE C 43 -12.53 12.53 8.53
N SER C 44 -11.71 12.82 7.52
CA SER C 44 -11.24 11.81 6.59
C SER C 44 -10.14 10.98 7.24
N PRO C 45 -9.84 9.81 6.69
CA PRO C 45 -8.67 9.06 7.17
C PRO C 45 -7.40 9.85 6.87
N ALA C 46 -6.46 9.81 7.82
CA ALA C 46 -5.16 10.43 7.60
C ALA C 46 -4.46 9.77 6.42
N PHE C 47 -3.82 10.60 5.59
CA PHE C 47 -3.15 10.12 4.38
C PHE C 47 -1.85 10.88 4.18
N TYR C 48 -0.85 10.19 3.64
CA TYR C 48 0.49 10.74 3.46
C TYR C 48 0.66 11.28 2.05
N THR C 49 1.40 12.39 1.94
CA THR C 49 1.70 12.98 0.63
C THR C 49 2.54 12.03 -0.21
N HIS C 50 3.63 11.51 0.38
CA HIS C 50 4.47 10.52 -0.27
C HIS C 50 4.93 9.52 0.77
N LYS C 51 5.60 8.48 0.31
CA LYS C 51 6.11 7.46 1.22
C LYS C 51 7.09 8.08 2.20
N TYR C 52 6.75 8.00 3.49
CA TYR C 52 7.50 8.66 4.57
C TYR C 52 7.40 10.18 4.46
N GLY C 53 6.24 10.69 4.01
CA GLY C 53 6.08 12.11 3.82
C GLY C 53 5.15 12.79 4.82
N TYR C 54 4.54 13.90 4.40
CA TYR C 54 3.66 14.63 5.29
C TYR C 54 2.38 13.86 5.57
N LYS C 55 1.94 13.88 6.82
CA LYS C 55 0.68 13.29 7.22
C LYS C 55 -0.39 14.38 7.23
N LEU C 56 -1.41 14.22 6.37
CA LEU C 56 -2.47 15.21 6.25
C LEU C 56 -3.81 14.58 6.59
N GLN C 57 -4.79 15.44 6.88
CA GLN C 57 -6.15 14.97 7.11
C GLN C 57 -7.14 16.02 6.64
N VAL C 58 -8.15 15.58 5.92
CA VAL C 58 -9.22 16.45 5.41
C VAL C 58 -10.41 16.36 6.35
N SER C 59 -11.06 17.50 6.56
CA SER C 59 -12.26 17.58 7.39
C SER C 59 -13.35 18.35 6.65
N ALA C 60 -14.60 18.00 6.96
CA ALA C 60 -15.73 18.56 6.24
C ALA C 60 -16.81 18.96 7.23
N PHE C 61 -17.49 20.06 6.92
CA PHE C 61 -18.70 20.48 7.62
C PHE C 61 -19.83 20.33 6.61
N LEU C 62 -20.66 19.30 6.80
CA LEU C 62 -21.73 19.04 5.84
C LEU C 62 -22.81 20.12 5.91
N ASN C 63 -23.05 20.68 7.09
CA ASN C 63 -23.93 21.84 7.22
C ASN C 63 -23.15 23.14 7.27
N GLY C 64 -21.85 23.09 7.03
CA GLY C 64 -21.04 24.28 6.93
C GLY C 64 -20.68 24.89 8.27
N ASN C 65 -19.62 25.69 8.28
CA ASN C 65 -19.23 26.47 9.43
C ASN C 65 -18.65 27.80 8.96
N GLY C 66 -18.50 28.73 9.91
CA GLY C 66 -18.02 30.05 9.56
C GLY C 66 -19.01 30.79 8.67
N SER C 67 -18.52 31.42 7.61
CA SER C 67 -19.39 32.14 6.69
C SER C 67 -20.35 31.22 5.95
N GLY C 68 -20.12 29.90 5.98
CA GLY C 68 -20.99 28.95 5.30
C GLY C 68 -21.90 28.16 6.19
N GLU C 69 -22.04 28.52 7.47
CA GLU C 69 -22.87 27.77 8.39
C GLU C 69 -24.33 27.78 7.95
N GLY C 70 -24.89 26.58 7.76
CA GLY C 70 -26.27 26.42 7.41
C GLY C 70 -26.58 26.47 5.93
N THR C 71 -25.65 26.93 5.10
CA THR C 71 -25.90 27.11 3.67
C THR C 71 -24.97 26.32 2.76
N HIS C 72 -23.76 25.99 3.20
CA HIS C 72 -22.75 25.43 2.32
C HIS C 72 -22.14 24.18 2.94
N LEU C 73 -21.35 23.47 2.13
CA LEU C 73 -20.44 22.45 2.61
C LEU C 73 -19.05 23.06 2.71
N SER C 74 -18.39 22.84 3.85
CA SER C 74 -17.09 23.44 4.11
C SER C 74 -16.01 22.36 4.10
N LEU C 75 -14.87 22.69 3.49
CA LEU C 75 -13.78 21.74 3.31
C LEU C 75 -12.49 22.33 3.84
N TYR C 76 -11.77 21.56 4.65
CA TYR C 76 -10.48 22.01 5.17
C TYR C 76 -9.50 20.85 5.13
N ILE C 77 -8.21 21.19 5.11
CA ILE C 77 -7.15 20.22 5.24
C ILE C 77 -6.18 20.70 6.32
N ARG C 78 -5.59 19.76 7.05
CA ARG C 78 -4.67 20.12 8.11
C ARG C 78 -3.50 19.15 8.12
N VAL C 79 -2.34 19.69 8.49
CA VAL C 79 -1.13 18.88 8.70
C VAL C 79 -1.20 18.26 10.09
N LEU C 80 -0.92 16.97 10.16
CA LEU C 80 -0.87 16.24 11.41
C LEU C 80 0.57 15.89 11.77
N PRO C 81 0.85 15.63 13.05
CA PRO C 81 2.19 15.17 13.42
C PRO C 81 2.49 13.82 12.78
N GLY C 82 3.59 13.77 12.03
CA GLY C 82 4.00 12.53 11.40
C GLY C 82 5.33 12.03 11.94
N ALA C 83 5.56 10.72 11.84
CA ALA C 83 6.79 10.14 12.39
C ALA C 83 8.04 10.61 11.67
N PHE C 84 7.91 11.10 10.43
CA PHE C 84 9.04 11.48 9.61
C PHE C 84 9.14 13.00 9.42
N ASP C 85 8.52 13.78 10.31
CA ASP C 85 8.52 15.23 10.16
C ASP C 85 9.94 15.80 10.14
N ASN C 86 10.86 15.19 10.87
CA ASN C 86 12.23 15.68 10.92
C ASN C 86 12.98 15.52 9.60
N LEU C 87 12.45 14.74 8.66
CA LEU C 87 13.11 14.53 7.38
C LEU C 87 12.51 15.34 6.25
N LEU C 88 11.50 16.17 6.53
CA LEU C 88 10.80 16.94 5.51
C LEU C 88 11.07 18.43 5.70
N GLU C 89 10.99 19.18 4.62
CA GLU C 89 11.21 20.62 4.70
C GLU C 89 9.93 21.32 5.15
N TRP C 90 10.11 22.36 5.96
CA TRP C 90 9.00 23.12 6.51
C TRP C 90 9.20 24.60 6.22
N PRO C 91 8.11 25.36 6.02
CA PRO C 91 6.72 24.91 6.13
C PRO C 91 6.23 24.10 4.92
N PHE C 92 5.15 23.35 5.15
CA PHE C 92 4.48 22.62 4.07
C PHE C 92 4.06 23.59 2.97
N ALA C 93 4.54 23.35 1.76
CA ALA C 93 4.30 24.27 0.65
C ALA C 93 3.96 23.50 -0.62
N ARG C 94 3.12 22.49 -0.52
CA ARG C 94 2.71 21.70 -1.67
C ARG C 94 1.30 22.09 -2.09
N ARG C 95 1.11 22.35 -3.39
CA ARG C 95 -0.17 22.80 -3.88
C ARG C 95 -1.22 21.70 -3.70
N VAL C 96 -2.42 22.09 -3.27
CA VAL C 96 -3.47 21.12 -2.94
C VAL C 96 -4.73 21.48 -3.73
N THR C 97 -5.43 20.44 -4.21
CA THR C 97 -6.66 20.59 -4.98
C THR C 97 -7.77 19.80 -4.32
N PHE C 98 -8.82 20.50 -3.89
CA PHE C 98 -10.05 19.89 -3.41
C PHE C 98 -11.00 19.69 -4.58
N SER C 99 -11.75 18.58 -4.55
CA SER C 99 -12.74 18.31 -5.58
C SER C 99 -13.93 17.58 -4.98
N LEU C 100 -15.12 18.08 -5.27
CA LEU C 100 -16.34 17.33 -5.05
C LEU C 100 -16.73 16.70 -6.38
N LEU C 101 -16.80 15.37 -6.41
CA LEU C 101 -16.88 14.63 -7.66
C LEU C 101 -18.32 14.44 -8.11
N ASP C 102 -18.54 14.58 -9.42
CA ASP C 102 -19.85 14.39 -10.04
C ASP C 102 -19.99 12.91 -10.39
N GLN C 103 -20.77 12.19 -9.60
CA GLN C 103 -20.90 10.75 -9.77
C GLN C 103 -21.72 10.38 -11.00
N SER C 104 -21.20 10.73 -12.18
CA SER C 104 -21.85 10.42 -13.44
C SER C 104 -20.96 9.45 -14.22
N ASP C 105 -21.58 8.52 -14.93
CA ASP C 105 -20.83 7.55 -15.72
C ASP C 105 -20.00 8.27 -16.78
N PRO C 106 -18.67 8.07 -16.78
CA PRO C 106 -17.83 8.80 -17.76
C PRO C 106 -18.13 8.47 -19.20
N GLY C 107 -18.82 7.35 -19.47
CA GLY C 107 -19.16 6.97 -20.83
C GLY C 107 -20.41 7.63 -21.39
N LEU C 108 -21.30 8.12 -20.54
CA LEU C 108 -22.53 8.75 -21.02
C LEU C 108 -22.50 10.27 -20.99
N ALA C 109 -21.74 10.87 -20.07
CA ALA C 109 -21.60 12.32 -20.04
C ALA C 109 -20.34 12.68 -19.27
N LYS C 110 -19.66 13.73 -19.70
CA LYS C 110 -18.44 14.17 -19.01
C LYS C 110 -18.81 14.77 -17.66
N PRO C 111 -18.22 14.30 -16.57
CA PRO C 111 -18.57 14.84 -15.25
C PRO C 111 -18.02 16.24 -15.09
N GLN C 112 -18.73 17.05 -14.30
CA GLN C 112 -18.34 18.42 -13.99
C GLN C 112 -18.09 18.51 -12.49
N HIS C 113 -16.85 18.28 -12.08
CA HIS C 113 -16.47 18.31 -10.68
C HIS C 113 -16.40 19.75 -10.17
N VAL C 114 -16.70 19.92 -8.88
CA VAL C 114 -16.52 21.21 -8.22
C VAL C 114 -15.11 21.22 -7.66
N THR C 115 -14.20 21.93 -8.34
CA THR C 115 -12.79 21.84 -8.06
C THR C 115 -12.22 23.20 -7.65
N GLU C 116 -11.34 23.19 -6.65
CA GLU C 116 -10.62 24.38 -6.23
C GLU C 116 -9.17 24.02 -5.90
N THR C 117 -8.26 24.95 -6.15
CA THR C 117 -6.84 24.72 -5.97
C THR C 117 -6.25 25.86 -5.16
N PHE C 118 -5.38 25.54 -4.21
CA PHE C 118 -4.73 26.56 -3.41
C PHE C 118 -3.28 26.17 -3.13
N HIS C 119 -2.49 27.18 -2.80
CA HIS C 119 -1.10 27.05 -2.41
C HIS C 119 -0.95 27.41 -0.93
N PRO C 120 -0.29 26.57 -0.14
CA PRO C 120 -0.26 26.79 1.32
C PRO C 120 0.40 28.11 1.69
N ASP C 121 -0.28 28.88 2.53
CA ASP C 121 0.26 30.13 3.03
C ASP C 121 1.45 29.84 3.93
N PRO C 122 2.65 30.38 3.64
CA PRO C 122 3.80 30.13 4.53
C PRO C 122 3.57 30.62 5.95
N ASN C 123 2.63 31.55 6.16
CA ASN C 123 2.33 32.11 7.46
C ASN C 123 1.05 31.54 8.07
N TRP C 124 0.50 30.45 7.52
CA TRP C 124 -0.70 29.87 8.08
C TRP C 124 -0.49 29.21 9.43
N LYS C 125 0.75 29.12 9.91
CA LYS C 125 1.09 28.50 11.19
C LYS C 125 0.81 27.01 11.26
N ASN C 126 -0.32 26.54 10.73
CA ASN C 126 -0.58 25.11 10.80
C ASN C 126 0.31 24.35 9.81
N PHE C 127 0.69 24.98 8.71
CA PHE C 127 1.60 24.38 7.75
C PHE C 127 3.06 24.43 8.22
N GLN C 128 3.31 25.02 9.38
CA GLN C 128 4.63 25.01 9.98
C GLN C 128 4.87 23.66 10.68
N LYS C 129 6.11 23.46 11.10
CA LYS C 129 6.50 22.16 11.64
C LYS C 129 5.65 21.83 12.86
N PRO C 130 5.06 20.63 12.91
CA PRO C 130 4.19 20.27 14.04
C PRO C 130 4.93 20.36 15.37
N GLY C 131 4.20 20.85 16.39
CA GLY C 131 4.74 21.03 17.71
C GLY C 131 5.47 22.33 17.92
N THR C 132 5.28 23.32 17.04
CA THR C 132 5.90 24.63 17.19
C THR C 132 5.04 25.61 17.97
N TRP C 133 3.74 25.42 17.98
CA TRP C 133 2.79 26.40 18.51
C TRP C 133 1.97 25.76 19.63
N ARG C 134 2.63 25.46 20.74
CA ARG C 134 1.92 24.96 21.92
C ARG C 134 1.62 26.11 22.87
N SER C 140 -5.08 25.93 17.11
CA SER C 140 -4.53 26.31 15.82
C SER C 140 -3.32 25.47 15.40
N SER C 141 -3.46 24.19 15.01
CA SER C 141 -4.65 23.32 15.03
C SER C 141 -5.90 23.84 14.33
N LEU C 142 -5.72 24.57 13.23
CA LEU C 142 -6.81 24.98 12.37
C LEU C 142 -6.49 24.62 10.94
N GLY C 143 -7.34 23.80 10.33
CA GLY C 143 -7.21 23.49 8.93
C GLY C 143 -7.34 24.73 8.06
N PHE C 144 -6.95 24.58 6.81
CA PHE C 144 -7.01 25.63 5.80
C PHE C 144 -7.93 25.14 4.69
N GLY C 145 -8.77 26.04 4.20
CA GLY C 145 -9.69 25.64 3.15
C GLY C 145 -10.76 26.66 2.83
N TYR C 146 -11.95 26.16 2.53
CA TYR C 146 -13.05 26.97 2.02
C TYR C 146 -14.29 26.73 2.87
N PRO C 147 -14.84 27.78 3.51
CA PRO C 147 -16.14 27.62 4.17
C PRO C 147 -17.31 27.60 3.20
N LYS C 148 -17.14 28.19 2.02
CA LYS C 148 -18.19 28.18 1.00
C LYS C 148 -17.75 27.37 -0.21
N PHE C 149 -17.39 26.10 0.01
CA PHE C 149 -16.91 25.28 -1.11
C PHE C 149 -18.03 25.02 -2.12
N ILE C 150 -19.20 24.58 -1.64
CA ILE C 150 -20.37 24.40 -2.48
C ILE C 150 -21.61 24.63 -1.64
N SER C 151 -22.61 25.28 -2.24
CA SER C 151 -23.84 25.58 -1.54
C SER C 151 -24.74 24.36 -1.46
N HIS C 152 -25.67 24.39 -0.50
CA HIS C 152 -26.66 23.32 -0.37
C HIS C 152 -27.49 23.18 -1.65
N GLN C 153 -27.73 24.29 -2.35
CA GLN C 153 -28.51 24.23 -3.58
C GLN C 153 -27.70 23.67 -4.75
N ASP C 154 -26.41 23.98 -4.81
CA ASP C 154 -25.58 23.50 -5.93
C ASP C 154 -25.25 22.02 -5.80
N ILE C 155 -25.22 21.48 -4.57
CA ILE C 155 -24.88 20.08 -4.36
C ILE C 155 -25.97 19.13 -4.82
N ARG C 156 -27.15 19.64 -5.13
CA ARG C 156 -28.23 18.84 -5.68
C ARG C 156 -28.38 19.03 -7.17
N LYS C 157 -27.56 19.89 -7.79
CA LYS C 157 -27.80 20.27 -9.17
C LYS C 157 -27.39 19.19 -10.18
N ARG C 158 -26.48 18.29 -9.81
CA ARG C 158 -26.12 17.20 -10.69
C ARG C 158 -26.00 15.90 -9.90
N ASN C 159 -25.09 15.01 -10.29
CA ASN C 159 -24.88 13.75 -9.58
C ASN C 159 -23.83 13.86 -8.49
N TYR C 160 -23.82 14.96 -7.75
CA TYR C 160 -22.88 15.10 -6.64
C TYR C 160 -23.26 14.19 -5.48
N VAL C 161 -24.56 14.07 -5.20
CA VAL C 161 -25.07 13.12 -4.22
C VAL C 161 -25.72 11.99 -4.99
N ARG C 162 -25.13 10.80 -4.90
CA ARG C 162 -25.66 9.62 -5.59
C ARG C 162 -25.59 8.43 -4.65
N ASP C 163 -26.68 7.68 -4.57
CA ASP C 163 -26.81 6.56 -3.63
C ASP C 163 -26.53 7.02 -2.20
N ASP C 164 -26.95 8.25 -1.90
CA ASP C 164 -26.79 8.85 -0.58
C ASP C 164 -25.32 8.89 -0.15
N ALA C 165 -24.46 9.31 -1.06
CA ALA C 165 -23.03 9.36 -0.79
C ALA C 165 -22.38 10.45 -1.62
N VAL C 166 -21.29 11.01 -1.09
CA VAL C 166 -20.53 12.03 -1.81
C VAL C 166 -19.05 11.64 -1.78
N PHE C 167 -18.31 12.11 -2.79
CA PHE C 167 -16.89 11.79 -2.96
C PHE C 167 -16.08 13.07 -2.92
N ILE C 168 -15.13 13.13 -1.99
CA ILE C 168 -14.22 14.28 -1.87
C ILE C 168 -12.81 13.81 -2.22
N ARG C 169 -12.22 14.43 -3.24
CA ARG C 169 -10.89 14.09 -3.70
C ARG C 169 -9.94 15.22 -3.31
N ALA C 170 -8.97 14.91 -2.44
CA ALA C 170 -7.93 15.85 -2.05
C ALA C 170 -6.63 15.37 -2.68
N ALA C 171 -6.09 16.15 -3.62
CA ALA C 171 -4.89 15.77 -4.34
C ALA C 171 -3.78 16.77 -4.02
N VAL C 172 -2.62 16.26 -3.61
CA VAL C 172 -1.48 17.10 -3.28
C VAL C 172 -0.48 17.01 -4.43
N GLU C 173 0.00 18.16 -4.89
CA GLU C 173 0.89 18.22 -6.04
C GLU C 173 2.29 17.75 -5.69
N LEU C 174 2.93 17.12 -6.66
CA LEU C 174 4.30 16.70 -6.46
C LEU C 174 5.20 17.90 -6.75
N PRO C 175 6.33 18.01 -6.06
CA PRO C 175 7.14 19.23 -6.21
C PRO C 175 7.83 19.33 -7.56
N ARG C 176 8.51 18.25 -7.96
CA ARG C 176 9.32 18.23 -9.18
C ARG C 176 10.49 19.19 -9.06
N LEU C 177 11.70 18.69 -9.26
CA LEU C 177 12.89 19.52 -9.16
C LEU C 177 13.86 19.11 -10.24
N GLU C 178 14.93 19.87 -10.36
CA GLU C 178 16.09 19.46 -11.13
C GLU C 178 17.26 19.22 -10.18
N HIS C 179 18.22 18.43 -10.67
CA HIS C 179 19.51 18.27 -10.00
C HIS C 179 20.14 19.64 -9.76
N HIS C 180 21.01 19.79 -8.73
CA HIS C 180 21.83 18.82 -7.98
C HIS C 180 22.93 18.24 -8.89
N HIS C 181 22.85 16.95 -9.25
CA HIS C 181 23.86 16.30 -10.09
C HIS C 181 25.22 16.32 -9.40
N HIS C 182 25.74 17.51 -9.13
CA HIS C 182 27.01 17.68 -8.42
C HIS C 182 26.97 17.04 -7.04
#